data_2CKL
#
_entry.id   2CKL
#
_cell.length_a   120.046
_cell.length_b   120.046
_cell.length_c   27.096
_cell.angle_alpha   90.00
_cell.angle_beta   90.00
_cell.angle_gamma   120.00
#
_symmetry.space_group_name_H-M   'P 63'
#
loop_
_entity.id
_entity.type
_entity.pdbx_description
1 polymer 'POLYCOMB GROUP RING FINGER PROTEIN 4'
2 polymer 'UBIQUITIN LIGASE PROTEIN RING2'
3 non-polymer 'ZINC ION'
4 non-polymer 'IODIDE ION'
5 water water
#
loop_
_entity_poly.entity_id
_entity_poly.type
_entity_poly.pdbx_seq_one_letter_code
_entity_poly.pdbx_strand_id
1 'polypeptide(L)'
;MHRTTRIKITELNPHLMCVLCGGYFIDATTIIECLHSFCKTCIVRYLETSKYCPICDVQVHKTRPLLNIRSDKTLQDIVY
KLVPGLFKNEMKRRRDFYAAHPSADAAN
;
A
2 'polypeptide(L)'
;GPLGSHMSQAVQTNGTQPLSKTWELSLYELQRTPQEAITDGLEIVVSPRSLHSELMCPICLDMLKNTMTTKECLHRFCAD
CIITALRSGNKECPTCRKKLVSKRSLRPDPNFDALISKIYPSRDEYEAHQERVLARINKHNNQQALSHSIEEGLKIQAMN
RLQRG
;
B
#
# COMPACT_ATOMS: atom_id res chain seq x y z
N ARG A 6 -17.80 -13.49 4.44
CA ARG A 6 -16.84 -14.62 4.69
C ARG A 6 -15.93 -14.95 3.48
N ILE A 7 -14.62 -15.01 3.73
CA ILE A 7 -13.59 -15.25 2.71
C ILE A 7 -12.42 -16.02 3.35
N LYS A 8 -11.80 -16.93 2.59
CA LYS A 8 -10.58 -17.60 3.03
C LYS A 8 -9.38 -16.65 2.98
N ILE A 9 -8.67 -16.49 4.10
CA ILE A 9 -7.47 -15.61 4.16
C ILE A 9 -6.41 -15.99 3.10
N THR A 10 -6.32 -17.27 2.77
CA THR A 10 -5.35 -17.74 1.77
C THR A 10 -5.68 -17.20 0.37
N GLU A 11 -6.97 -16.93 0.15
CA GLU A 11 -7.45 -16.24 -1.03
C GLU A 11 -7.06 -14.78 -1.08
N LEU A 12 -6.97 -14.14 0.09
CA LEU A 12 -6.50 -12.75 0.19
C LEU A 12 -4.98 -12.57 0.22
N ASN A 13 -4.25 -13.52 0.77
CA ASN A 13 -2.81 -13.36 1.01
C ASN A 13 -2.03 -12.80 -0.16
N PRO A 14 -2.24 -13.30 -1.39
CA PRO A 14 -1.46 -12.69 -2.46
C PRO A 14 -1.55 -11.15 -2.56
N HIS A 15 -2.63 -10.55 -2.10
CA HIS A 15 -2.78 -9.12 -2.21
C HIS A 15 -2.26 -8.38 -0.99
N LEU A 16 -1.83 -9.11 0.05
CA LEU A 16 -1.46 -8.51 1.33
C LEU A 16 -0.01 -8.78 1.70
N MET A 17 0.75 -9.31 0.75
CA MET A 17 2.05 -9.86 1.07
C MET A 17 3.14 -9.21 0.27
N CYS A 18 4.27 -9.00 0.94
CA CYS A 18 5.44 -8.38 0.39
C CYS A 18 6.33 -9.45 -0.21
N VAL A 19 6.74 -9.27 -1.48
CA VAL A 19 7.59 -10.27 -2.13
C VAL A 19 9.04 -10.28 -1.64
N LEU A 20 9.47 -9.17 -1.05
CA LEU A 20 10.86 -9.04 -0.60
C LEU A 20 11.14 -9.76 0.75
N CYS A 21 10.12 -9.90 1.58
CA CYS A 21 10.29 -10.72 2.81
C CYS A 21 9.42 -11.96 2.85
N GLY A 22 8.42 -12.06 1.96
CA GLY A 22 7.51 -13.24 1.95
C GLY A 22 6.46 -13.21 3.05
N GLY A 23 6.29 -12.05 3.67
CA GLY A 23 5.33 -11.91 4.81
C GLY A 23 4.30 -10.83 4.53
N TYR A 24 3.39 -10.57 5.46
CA TYR A 24 2.43 -9.50 5.30
C TYR A 24 3.11 -8.13 5.29
N PHE A 25 2.52 -7.20 4.55
CA PHE A 25 2.95 -5.79 4.52
C PHE A 25 2.96 -5.25 5.92
N ILE A 26 4.09 -4.65 6.30
CA ILE A 26 4.20 -3.86 7.56
C ILE A 26 4.70 -2.50 7.12
N ASP A 27 3.94 -1.44 7.40
CA ASP A 27 4.22 -0.10 6.85
C ASP A 27 4.28 -0.09 5.30
N ALA A 28 3.22 -0.59 4.71
CA ALA A 28 3.14 -0.75 3.26
C ALA A 28 3.55 0.55 2.59
N THR A 29 4.37 0.41 1.56
CA THR A 29 5.03 1.49 0.87
C THR A 29 4.97 1.14 -0.61
N THR A 30 4.55 2.12 -1.41
CA THR A 30 4.21 1.87 -2.79
C THR A 30 5.06 2.72 -3.74
N ILE A 31 5.52 2.07 -4.83
CA ILE A 31 6.29 2.71 -5.91
C ILE A 31 5.27 3.36 -6.81
N ILE A 32 5.36 4.68 -6.97
CA ILE A 32 4.35 5.46 -7.65
C ILE A 32 4.28 5.22 -9.17
N GLU A 33 5.39 4.79 -9.76
CA GLU A 33 5.45 4.53 -11.21
C GLU A 33 4.63 3.33 -11.67
N CYS A 34 4.52 2.29 -10.84
CA CYS A 34 3.85 1.04 -11.24
C CYS A 34 2.83 0.56 -10.23
N LEU A 35 2.86 1.19 -9.06
CA LEU A 35 1.97 0.87 -7.96
C LEU A 35 2.21 -0.51 -7.33
N HIS A 36 3.42 -1.05 -7.43
CA HIS A 36 3.74 -2.26 -6.60
C HIS A 36 4.13 -1.82 -5.20
N SER A 37 3.82 -2.67 -4.19
CA SER A 37 3.83 -2.29 -2.78
C SER A 37 4.69 -3.28 -2.07
N PHE A 38 5.30 -2.84 -0.97
CA PHE A 38 6.29 -3.63 -0.22
C PHE A 38 6.24 -3.13 1.22
N CYS A 39 6.80 -3.89 2.17
CA CYS A 39 7.05 -3.28 3.51
C CYS A 39 7.99 -2.10 3.35
N LYS A 40 7.82 -1.08 4.18
CA LYS A 40 8.75 0.00 4.19
C LYS A 40 10.21 -0.47 4.29
N THR A 41 10.55 -1.29 5.29
CA THR A 41 11.96 -1.61 5.53
C THR A 41 12.54 -2.40 4.33
N CYS A 42 11.74 -3.32 3.80
CA CYS A 42 12.13 -4.12 2.63
C CYS A 42 12.50 -3.27 1.44
N ILE A 43 11.63 -2.34 1.08
CA ILE A 43 11.82 -1.60 -0.18
C ILE A 43 12.91 -0.54 0.00
N VAL A 44 13.01 0.04 1.20
CA VAL A 44 14.07 1.05 1.41
C VAL A 44 15.45 0.43 1.26
N ARG A 45 15.64 -0.71 1.94
CA ARG A 45 16.90 -1.44 1.84
C ARG A 45 17.18 -1.88 0.42
N TYR A 46 16.16 -2.42 -0.26
CA TYR A 46 16.32 -2.86 -1.65
C TYR A 46 16.77 -1.73 -2.56
N LEU A 47 16.15 -0.57 -2.41
CA LEU A 47 16.44 0.55 -3.29
C LEU A 47 17.81 1.18 -2.96
N GLU A 48 18.49 0.72 -1.90
CA GLU A 48 19.93 1.08 -1.77
C GLU A 48 20.77 0.60 -2.94
N THR A 49 20.35 -0.52 -3.53
CA THR A 49 21.16 -1.10 -4.63
C THR A 49 20.41 -1.37 -5.95
N SER A 50 19.23 -0.80 -6.10
CA SER A 50 18.55 -0.89 -7.39
C SER A 50 17.66 0.31 -7.54
N LYS A 51 17.49 0.78 -8.77
CA LYS A 51 16.46 1.78 -9.08
C LYS A 51 15.27 1.22 -9.88
N TYR A 52 15.11 -0.09 -9.84
CA TYR A 52 14.05 -0.76 -10.61
C TYR A 52 13.15 -1.57 -9.72
N CYS A 53 11.85 -1.57 -10.03
CA CYS A 53 10.88 -2.25 -9.20
C CYS A 53 11.26 -3.75 -9.07
N PRO A 54 11.30 -4.29 -7.83
CA PRO A 54 11.58 -5.73 -7.63
C PRO A 54 10.67 -6.72 -8.38
N ILE A 55 9.45 -6.29 -8.68
CA ILE A 55 8.45 -7.13 -9.30
C ILE A 55 8.46 -6.95 -10.81
N CYS A 56 8.28 -5.71 -11.29
CA CYS A 56 8.08 -5.51 -12.74
C CYS A 56 9.28 -4.92 -13.47
N ASP A 57 10.33 -4.56 -12.73
CA ASP A 57 11.55 -3.99 -13.33
C ASP A 57 11.40 -2.59 -13.92
N VAL A 58 10.26 -1.92 -13.70
CA VAL A 58 10.17 -0.56 -14.20
C VAL A 58 11.08 0.38 -13.36
N GLN A 59 11.72 1.33 -14.03
CA GLN A 59 12.55 2.36 -13.37
C GLN A 59 11.70 3.14 -12.37
N VAL A 60 12.11 3.15 -11.11
CA VAL A 60 11.43 3.85 -10.04
C VAL A 60 11.72 5.36 -10.16
N HIS A 61 12.98 5.69 -10.38
CA HIS A 61 13.38 7.08 -10.58
C HIS A 61 14.70 7.08 -11.35
N LYS A 62 14.95 8.14 -12.11
CA LYS A 62 16.17 8.26 -12.87
C LYS A 62 17.44 8.02 -12.03
N THR A 63 17.44 8.55 -10.80
CA THR A 63 18.65 8.63 -9.98
C THR A 63 18.41 8.46 -8.48
N ARG A 64 17.23 8.85 -7.99
CA ARG A 64 16.96 8.88 -6.56
C ARG A 64 15.61 8.23 -6.34
N PRO A 65 15.57 6.87 -6.35
CA PRO A 65 14.33 6.10 -6.27
C PRO A 65 13.46 6.42 -5.05
N LEU A 66 14.05 6.82 -3.94
CA LEU A 66 13.24 7.20 -2.75
C LEU A 66 12.29 8.38 -3.00
N LEU A 67 12.58 9.19 -4.02
CA LEU A 67 11.71 10.30 -4.38
C LEU A 67 10.36 9.78 -4.81
N ASN A 68 10.37 8.57 -5.35
CA ASN A 68 9.21 8.02 -6.05
C ASN A 68 8.49 6.84 -5.34
N ILE A 69 8.65 6.77 -4.03
CA ILE A 69 7.88 5.87 -3.17
C ILE A 69 7.03 6.72 -2.23
N ARG A 70 5.92 6.14 -1.76
CA ARG A 70 5.05 6.83 -0.82
C ARG A 70 4.55 5.84 0.19
N SER A 71 4.39 6.26 1.43
CA SER A 71 3.72 5.39 2.42
C SER A 71 2.29 5.18 1.95
N ASP A 72 1.82 3.96 2.08
CA ASP A 72 0.48 3.64 1.52
C ASP A 72 -0.42 3.27 2.70
N LYS A 73 -0.95 4.31 3.33
CA LYS A 73 -1.67 4.17 4.57
C LYS A 73 -2.94 3.34 4.33
N THR A 74 -3.59 3.55 3.19
CA THR A 74 -4.86 2.89 2.91
C THR A 74 -4.60 1.38 2.83
N LEU A 75 -3.56 0.99 2.10
CA LEU A 75 -3.23 -0.41 1.91
C LEU A 75 -2.87 -1.03 3.27
N GLN A 76 -2.03 -0.34 4.04
CA GLN A 76 -1.66 -0.90 5.33
C GLN A 76 -2.90 -1.05 6.24
N ASP A 77 -3.78 -0.05 6.22
CA ASP A 77 -5.01 -0.09 7.05
C ASP A 77 -5.84 -1.34 6.75
N ILE A 78 -5.96 -1.67 5.45
CA ILE A 78 -6.66 -2.87 4.94
C ILE A 78 -6.00 -4.13 5.46
N VAL A 79 -4.68 -4.15 5.34
CA VAL A 79 -3.89 -5.27 5.82
C VAL A 79 -4.17 -5.55 7.30
N TYR A 80 -4.04 -4.51 8.12
CA TYR A 80 -4.22 -4.68 9.55
C TYR A 80 -5.64 -4.98 9.97
N LYS A 81 -6.59 -4.54 9.16
CA LYS A 81 -8.03 -4.80 9.44
C LYS A 81 -8.39 -6.22 9.01
N LEU A 82 -7.73 -6.76 7.99
CA LEU A 82 -8.14 -8.07 7.44
C LEU A 82 -7.43 -9.27 8.07
N VAL A 83 -6.17 -9.08 8.45
CA VAL A 83 -5.33 -10.19 8.92
C VAL A 83 -5.45 -10.31 10.44
N PRO A 84 -6.17 -11.35 10.91
CA PRO A 84 -6.43 -11.52 12.34
C PRO A 84 -5.11 -11.58 13.11
N GLY A 85 -4.98 -10.79 14.16
CA GLY A 85 -3.78 -10.86 15.00
C GLY A 85 -2.55 -10.09 14.58
N LEU A 86 -2.52 -9.66 13.31
CA LEU A 86 -1.31 -9.11 12.72
C LEU A 86 -0.86 -7.81 13.42
N PHE A 87 -1.79 -6.88 13.58
CA PHE A 87 -1.52 -5.58 14.21
C PHE A 87 -1.09 -5.76 15.68
N LYS A 88 -1.86 -6.51 16.45
CA LYS A 88 -1.45 -6.80 17.82
C LYS A 88 -0.08 -7.41 17.87
N ASN A 89 0.19 -8.39 16.99
CA ASN A 89 1.48 -9.01 16.95
C ASN A 89 2.61 -8.01 16.73
N GLU A 90 2.47 -7.18 15.70
CA GLU A 90 3.51 -6.25 15.29
C GLU A 90 3.74 -5.22 16.40
N MET A 91 2.65 -4.70 16.97
CA MET A 91 2.75 -3.78 18.12
C MET A 91 3.50 -4.41 19.31
N LYS A 92 3.23 -5.69 19.60
CA LYS A 92 3.95 -6.40 20.66
C LYS A 92 5.45 -6.57 20.35
N ARG A 93 5.79 -6.93 19.14
CA ARG A 93 7.18 -7.08 18.73
C ARG A 93 7.92 -5.77 18.98
N ARG A 94 7.31 -4.64 18.61
CA ARG A 94 7.93 -3.35 18.84
C ARG A 94 8.18 -3.08 20.34
N ARG A 95 7.16 -3.31 21.19
CA ARG A 95 7.33 -3.12 22.63
C ARG A 95 8.39 -4.05 23.17
N ASP A 96 8.34 -5.30 22.73
CA ASP A 96 9.31 -6.26 23.24
C ASP A 96 10.74 -5.79 22.86
N PHE A 97 10.90 -5.32 21.63
CA PHE A 97 12.21 -4.87 21.17
C PHE A 97 12.74 -3.78 22.07
N TYR A 98 11.91 -2.76 22.25
CA TYR A 98 12.29 -1.59 23.01
C TYR A 98 12.51 -1.80 24.51
N ALA A 99 11.89 -2.83 25.07
CA ALA A 99 12.06 -3.15 26.49
C ALA A 99 13.40 -3.80 26.74
N ALA A 100 13.87 -4.56 25.75
CA ALA A 100 15.21 -5.16 25.80
C ALA A 100 16.29 -4.20 25.27
N HIS A 101 15.89 -3.16 24.53
CA HIS A 101 16.83 -2.16 23.97
C HIS A 101 16.50 -0.70 24.37
N PRO A 102 16.72 -0.34 25.64
CA PRO A 102 16.32 1.00 26.10
C PRO A 102 17.06 2.17 25.42
N SER A 103 16.49 3.37 25.51
CA SER A 103 17.14 4.60 25.03
C SER A 103 17.39 5.59 26.16
N LYS B 21 9.91 12.37 3.03
CA LYS B 21 10.73 11.87 4.18
C LYS B 21 12.23 11.72 3.85
N THR B 22 13.02 11.39 4.87
CA THR B 22 14.38 10.93 4.66
C THR B 22 14.46 9.40 4.46
N TRP B 23 13.37 8.70 4.80
CA TRP B 23 13.27 7.23 4.81
C TRP B 23 14.27 6.49 5.72
N GLU B 24 14.66 7.16 6.80
CA GLU B 24 15.53 6.59 7.79
C GLU B 24 14.82 5.49 8.58
N LEU B 25 15.52 4.41 8.81
CA LEU B 25 14.96 3.28 9.54
C LEU B 25 15.33 3.39 11.01
N SER B 26 14.36 3.11 11.86
CA SER B 26 14.54 3.09 13.32
C SER B 26 15.32 1.85 13.72
N LEU B 27 15.85 1.86 14.96
CA LEU B 27 16.51 0.68 15.50
C LEU B 27 15.63 -0.57 15.39
N TYR B 28 14.35 -0.44 15.69
CA TYR B 28 13.47 -1.59 15.57
C TYR B 28 13.41 -2.05 14.11
N GLU B 29 13.20 -1.07 13.22
CA GLU B 29 13.07 -1.34 11.77
C GLU B 29 14.29 -1.99 11.18
N LEU B 30 15.47 -1.55 11.60
CA LEU B 30 16.70 -2.14 11.09
C LEU B 30 16.84 -3.65 11.37
N GLN B 31 16.10 -4.19 12.33
CA GLN B 31 16.26 -5.60 12.64
C GLN B 31 14.95 -6.38 12.53
N ARG B 32 13.87 -5.74 12.06
CA ARG B 32 12.57 -6.43 12.07
C ARG B 32 12.60 -7.66 11.20
N THR B 33 11.74 -8.62 11.49
CA THR B 33 11.71 -9.84 10.70
C THR B 33 10.29 -10.03 10.13
N PRO B 34 10.10 -10.92 9.16
CA PRO B 34 8.79 -10.97 8.53
C PRO B 34 7.63 -11.33 9.45
N GLN B 35 6.45 -10.85 9.07
CA GLN B 35 5.17 -11.33 9.59
C GLN B 35 4.66 -12.44 8.72
N GLU B 36 4.85 -13.69 9.17
CA GLU B 36 4.57 -14.81 8.27
C GLU B 36 3.07 -14.97 7.96
N ALA B 37 2.78 -15.53 6.79
CA ALA B 37 1.40 -15.73 6.31
C ALA B 37 0.63 -16.71 7.19
N ILE B 38 -0.69 -16.53 7.24
CA ILE B 38 -1.60 -17.47 7.84
C ILE B 38 -1.99 -18.36 6.67
N THR B 39 -1.70 -19.65 6.78
CA THR B 39 -1.90 -20.58 5.67
C THR B 39 -2.97 -21.66 5.97
N ASP B 40 -3.57 -21.58 7.15
CA ASP B 40 -4.74 -22.40 7.47
C ASP B 40 -5.99 -21.84 6.78
N GLY B 41 -7.09 -22.61 6.80
CA GLY B 41 -8.32 -22.17 6.13
C GLY B 41 -9.15 -21.08 6.81
N LEU B 42 -8.44 -20.42 7.85
CA LEU B 42 -9.12 -19.33 8.58
C LEU B 42 -9.86 -18.39 7.64
N GLU B 43 -11.30 -18.38 7.90
CA GLU B 43 -12.12 -17.44 7.13
C GLU B 43 -12.28 -16.05 7.79
N ILE B 44 -12.65 -15.06 6.99
CA ILE B 44 -12.76 -13.67 7.47
C ILE B 44 -14.17 -13.09 7.29
N VAL B 45 -14.62 -12.39 8.32
CA VAL B 45 -15.99 -11.86 8.39
C VAL B 45 -15.98 -10.35 8.25
N SER B 50 -16.91 -1.68 7.75
CA SER B 50 -15.64 -1.99 8.39
C SER B 50 -14.44 -1.79 7.45
N LEU B 51 -14.65 -2.11 6.17
CA LEU B 51 -13.68 -1.82 5.12
C LEU B 51 -14.21 -0.69 4.24
N HIS B 52 -15.18 0.05 4.78
CA HIS B 52 -15.81 1.12 4.01
C HIS B 52 -14.86 2.26 3.77
N SER B 53 -14.24 2.76 4.83
CA SER B 53 -13.28 3.85 4.70
C SER B 53 -11.96 3.45 3.98
N GLU B 54 -11.94 2.30 3.29
CA GLU B 54 -10.75 1.88 2.51
C GLU B 54 -11.04 1.42 1.09
N LEU B 55 -12.14 0.72 0.88
CA LEU B 55 -12.47 0.23 -0.46
C LEU B 55 -13.53 1.10 -1.16
N MET B 56 -13.89 2.20 -0.52
CA MET B 56 -14.94 3.09 -1.03
C MET B 56 -14.35 4.27 -1.78
N CYS B 57 -14.86 4.54 -2.98
CA CYS B 57 -14.56 5.79 -3.66
C CYS B 57 -15.20 6.96 -2.94
N PRO B 58 -14.38 7.99 -2.58
CA PRO B 58 -14.82 9.21 -1.90
C PRO B 58 -15.63 10.17 -2.77
N ILE B 59 -15.61 9.97 -4.08
CA ILE B 59 -16.39 10.80 -4.97
C ILE B 59 -17.84 10.30 -4.96
N CYS B 60 -18.05 9.09 -5.45
CA CYS B 60 -19.41 8.54 -5.57
C CYS B 60 -19.83 7.87 -4.26
N LEU B 61 -18.91 7.81 -3.30
CA LEU B 61 -19.16 7.17 -2.00
C LEU B 61 -19.65 5.73 -2.18
N ASP B 62 -19.41 5.19 -3.37
CA ASP B 62 -19.62 3.78 -3.68
C ASP B 62 -18.29 3.03 -3.63
N MET B 63 -18.37 1.71 -3.79
CA MET B 63 -17.16 0.90 -3.77
C MET B 63 -16.37 1.08 -5.05
N LEU B 64 -15.05 1.17 -4.93
CA LEU B 64 -14.17 1.49 -6.04
C LEU B 64 -14.33 0.52 -7.20
N LYS B 65 -14.46 1.07 -8.41
CA LYS B 65 -14.47 0.25 -9.64
C LYS B 65 -13.39 0.79 -10.58
N ASN B 66 -12.62 -0.09 -11.21
CA ASN B 66 -11.46 0.29 -12.04
C ASN B 66 -10.69 1.39 -11.31
N THR B 67 -10.09 1.01 -10.19
CA THR B 67 -9.44 1.93 -9.31
C THR B 67 -8.32 2.68 -10.07
N MET B 68 -8.34 4.00 -9.93
CA MET B 68 -7.23 4.82 -10.37
C MET B 68 -6.66 5.47 -9.13
N THR B 69 -5.34 5.63 -9.12
CA THR B 69 -4.62 6.08 -7.95
C THR B 69 -3.73 7.25 -8.33
N THR B 70 -3.83 8.35 -7.58
CA THR B 70 -2.95 9.50 -7.80
C THR B 70 -1.51 9.11 -7.49
N LYS B 71 -0.58 9.48 -8.35
CA LYS B 71 0.81 9.13 -8.09
C LYS B 71 1.40 9.85 -6.87
N GLU B 72 1.14 11.16 -6.75
CA GLU B 72 1.74 11.98 -5.69
C GLU B 72 1.27 11.63 -4.30
N CYS B 73 -0.03 11.31 -4.19
CA CYS B 73 -0.67 11.23 -2.88
C CYS B 73 -1.33 9.88 -2.55
N LEU B 74 -1.29 8.96 -3.50
CA LEU B 74 -1.87 7.63 -3.35
C LEU B 74 -3.32 7.64 -2.91
N HIS B 75 -4.13 8.47 -3.55
CA HIS B 75 -5.54 8.50 -3.25
C HIS B 75 -6.26 7.84 -4.38
N ARG B 76 -7.19 6.97 -4.01
CA ARG B 76 -7.86 6.07 -4.93
C ARG B 76 -9.29 6.50 -5.20
N PHE B 77 -9.70 6.31 -6.46
CA PHE B 77 -10.95 6.77 -7.02
C PHE B 77 -11.30 5.82 -8.13
N CYS B 78 -12.59 5.70 -8.44
CA CYS B 78 -13.02 4.98 -9.64
C CYS B 78 -12.46 5.72 -10.85
N ALA B 79 -12.09 4.96 -11.90
CA ALA B 79 -11.58 5.57 -13.12
C ALA B 79 -12.55 6.65 -13.62
N ASP B 80 -13.80 6.24 -13.82
CA ASP B 80 -14.85 7.14 -14.32
C ASP B 80 -15.06 8.39 -13.44
N CYS B 81 -14.95 8.24 -12.11
CA CYS B 81 -15.12 9.37 -11.17
C CYS B 81 -14.02 10.42 -11.23
N ILE B 82 -12.77 9.97 -11.17
CA ILE B 82 -11.65 10.89 -11.18
C ILE B 82 -11.49 11.55 -12.57
N ILE B 83 -11.67 10.77 -13.64
CA ILE B 83 -11.60 11.31 -15.00
C ILE B 83 -12.67 12.41 -15.15
N THR B 84 -13.87 12.14 -14.64
CA THR B 84 -14.95 13.13 -14.63
C THR B 84 -14.59 14.44 -13.87
N ALA B 85 -13.99 14.30 -12.68
CA ALA B 85 -13.60 15.46 -11.85
C ALA B 85 -12.58 16.32 -12.62
N LEU B 86 -11.53 15.67 -13.11
CA LEU B 86 -10.51 16.33 -13.90
C LEU B 86 -11.07 16.99 -15.19
N ARG B 87 -11.92 16.27 -15.92
CA ARG B 87 -12.57 16.79 -17.14
C ARG B 87 -13.44 18.04 -16.85
N SER B 88 -13.91 18.18 -15.60
CA SER B 88 -14.74 19.35 -15.24
C SER B 88 -13.88 20.61 -15.16
N GLY B 89 -12.56 20.41 -15.23
CA GLY B 89 -11.62 21.51 -15.11
C GLY B 89 -11.07 21.71 -13.70
N ASN B 90 -11.58 20.97 -12.72
CA ASN B 90 -10.98 20.99 -11.38
C ASN B 90 -9.75 20.08 -11.32
N LYS B 91 -8.56 20.68 -11.29
CA LYS B 91 -7.31 19.90 -11.31
C LYS B 91 -6.73 19.66 -9.92
N GLU B 92 -7.60 19.43 -8.95
CA GLU B 92 -7.17 19.09 -7.60
C GLU B 92 -7.56 17.67 -7.28
N CYS B 93 -6.73 17.01 -6.48
CA CYS B 93 -7.11 15.73 -5.94
C CYS B 93 -8.32 15.91 -5.01
N PRO B 94 -9.41 15.15 -5.27
CA PRO B 94 -10.63 15.32 -4.47
C PRO B 94 -10.39 15.04 -2.99
N THR B 95 -9.43 14.18 -2.67
CA THR B 95 -9.14 13.82 -1.29
C THR B 95 -8.25 14.82 -0.57
N CYS B 96 -7.23 15.35 -1.25
CA CYS B 96 -6.23 16.12 -0.50
C CYS B 96 -5.89 17.46 -1.09
N ARG B 97 -6.53 17.76 -2.23
CA ARG B 97 -6.39 19.01 -2.96
C ARG B 97 -5.02 19.32 -3.56
N LYS B 98 -4.18 18.29 -3.68
CA LYS B 98 -2.91 18.44 -4.36
C LYS B 98 -3.10 18.62 -5.85
N LYS B 99 -2.22 19.40 -6.48
CA LYS B 99 -2.32 19.65 -7.91
C LYS B 99 -2.24 18.36 -8.70
N LEU B 100 -3.18 18.19 -9.64
CA LEU B 100 -3.11 17.13 -10.64
C LEU B 100 -3.08 17.80 -12.00
N VAL B 101 -2.06 17.53 -12.79
CA VAL B 101 -1.93 18.18 -14.09
C VAL B 101 -2.90 17.56 -15.10
N SER B 102 -3.00 16.22 -15.07
CA SER B 102 -3.78 15.44 -16.04
C SER B 102 -3.95 14.01 -15.53
N LYS B 103 -4.50 13.13 -16.38
CA LYS B 103 -4.67 11.70 -16.08
C LYS B 103 -3.32 10.96 -16.09
N ARG B 104 -2.26 11.63 -16.52
CA ARG B 104 -0.94 11.03 -16.46
C ARG B 104 -0.38 11.19 -15.04
N SER B 105 -1.12 11.91 -14.20
CA SER B 105 -0.86 12.01 -12.76
C SER B 105 -1.47 10.81 -12.02
N LEU B 106 -2.05 9.90 -12.78
CA LEU B 106 -2.83 8.79 -12.23
C LEU B 106 -2.31 7.49 -12.80
N ARG B 107 -2.32 6.45 -11.99
CA ARG B 107 -2.05 5.09 -12.44
C ARG B 107 -3.23 4.14 -12.15
N PRO B 108 -3.48 3.17 -13.07
CA PRO B 108 -4.46 2.14 -12.77
C PRO B 108 -3.97 1.27 -11.64
N ASP B 109 -4.88 0.79 -10.82
CA ASP B 109 -4.50 0.01 -9.68
C ASP B 109 -5.15 -1.37 -9.75
N PRO B 110 -4.65 -2.26 -10.65
CA PRO B 110 -5.36 -3.53 -10.91
C PRO B 110 -5.25 -4.42 -9.69
N ASN B 111 -4.26 -4.14 -8.88
CA ASN B 111 -4.04 -4.97 -7.75
C ASN B 111 -5.04 -4.62 -6.65
N PHE B 112 -5.50 -3.36 -6.61
CA PHE B 112 -6.59 -2.96 -5.71
C PHE B 112 -7.94 -3.52 -6.17
N ASP B 113 -8.18 -3.45 -7.46
CA ASP B 113 -9.38 -4.02 -8.01
C ASP B 113 -9.45 -5.51 -7.68
N ALA B 114 -8.31 -6.21 -7.78
CA ALA B 114 -8.26 -7.66 -7.59
C ALA B 114 -8.63 -8.05 -6.16
N LEU B 115 -8.09 -7.30 -5.21
CA LEU B 115 -8.45 -7.44 -3.80
C LEU B 115 -9.95 -7.25 -3.59
N ILE B 116 -10.50 -6.21 -4.20
CA ILE B 116 -11.94 -5.91 -4.14
C ILE B 116 -12.78 -6.98 -4.78
N SER B 117 -12.25 -7.65 -5.81
CA SER B 117 -12.98 -8.71 -6.49
C SER B 117 -13.20 -9.93 -5.58
N LYS B 118 -12.15 -10.29 -4.84
CA LYS B 118 -12.20 -11.43 -3.94
C LYS B 118 -13.03 -11.16 -2.68
N ILE B 119 -12.90 -9.96 -2.10
CA ILE B 119 -13.63 -9.60 -0.88
C ILE B 119 -15.12 -9.41 -1.12
N TYR B 120 -15.47 -8.93 -2.32
CA TYR B 120 -16.85 -8.56 -2.66
C TYR B 120 -17.26 -9.01 -4.07
#